data_7KWL
#
_entry.id   7KWL
#
_entity_poly.entity_id   1
_entity_poly.type   'polydeoxyribonucleotide'
_entity_poly.pdbx_seq_one_letter_code
;(DCZ)(DG)(DU)(DG)(DA)(DA)(DT)(DT)(DC)(DG)(DC)(DG)
;
_entity_poly.pdbx_strand_id   A,B
#
loop_
_chem_comp.id
_chem_comp.type
_chem_comp.name
_chem_comp.formula
DA DNA linking 2'-DEOXYADENOSINE-5'-MONOPHOSPHATE 'C10 H14 N5 O6 P'
DC DNA linking 2'-DEOXYCYTIDINE-5'-MONOPHOSPHATE 'C9 H14 N3 O7 P'
DCZ DNA OH 5 prime terminus 2'-DEOXYCYTIDINE 'C9 H13 N3 O4'
DG DNA linking 2'-DEOXYGUANOSINE-5'-MONOPHOSPHATE 'C10 H14 N5 O7 P'
DT DNA linking THYMIDINE-5'-MONOPHOSPHATE 'C10 H15 N2 O8 P'
DU DNA linking 2'-DEOXYURIDINE-5'-MONOPHOSPHATE 'C9 H13 N2 O8 P'
#
# COMPACT_ATOMS: atom_id res chain seq x y z
N1 DCZ A 1 -0.18 -11.11 13.59
C2 DCZ A 1 -1.16 -10.41 14.28
N3 DCZ A 1 -0.92 -9.15 14.73
C4 DCZ A 1 0.24 -8.58 14.46
C5 DCZ A 1 1.26 -9.24 13.74
C6 DCZ A 1 1.03 -10.50 13.32
O2 DCZ A 1 -2.26 -10.87 14.56
N4 DCZ A 1 0.44 -7.37 14.90
C1' DCZ A 1 -0.48 -12.52 13.19
C2' DCZ A 1 -0.16 -12.87 11.74
C3' DCZ A 1 0.02 -14.40 11.83
C4' DCZ A 1 0.41 -14.65 13.31
O4' DCZ A 1 0.28 -13.40 13.99
O3' DCZ A 1 -1.18 -15.12 11.54
C5' DCZ A 1 1.84 -15.24 13.43
O5' DCZ A 1 2.87 -14.41 12.87
H5 DCZ A 1 2.20 -8.74 13.52
H6 DCZ A 1 1.82 -11.08 12.82
HN41 DCZ A 1 1.29 -6.89 14.67
HN42 DCZ A 1 -0.30 -6.92 15.40
H1' DCZ A 1 -1.54 -12.74 13.34
H2'1 DCZ A 1 0.78 -12.45 11.41
H2'2 DCZ A 1 -0.97 -12.58 11.08
H3' DCZ A 1 0.82 -14.72 11.14
H4' DCZ A 1 -0.28 -15.37 13.71
H5'1 DCZ A 1 2.05 -15.44 14.49
H5'2 DCZ A 1 1.85 -16.23 12.92
HO5' DCZ A 1 2.97 -13.64 13.47
N1 DCZ B 1 1.14 11.68 -12.95
C2 DCZ B 1 1.98 10.85 -13.70
N3 DCZ B 1 3.23 10.56 -13.28
C4 DCZ B 1 3.63 11.02 -12.11
C5 DCZ B 1 2.80 11.85 -11.28
C6 DCZ B 1 1.58 12.16 -11.75
O2 DCZ B 1 1.64 10.34 -14.76
N4 DCZ B 1 4.86 10.75 -11.78
C1' DCZ B 1 -0.20 12.06 -13.51
C2' DCZ B 1 -1.41 11.84 -12.58
C3' DCZ B 1 -2.44 12.84 -13.11
C4' DCZ B 1 -1.57 13.86 -13.88
O4' DCZ B 1 -0.22 13.44 -13.84
O3' DCZ B 1 -3.35 12.23 -14.02
C5' DCZ B 1 -1.71 15.31 -13.33
O5' DCZ B 1 -1.36 15.45 -11.96
H5 DCZ B 1 3.14 12.28 -10.36
H6 DCZ B 1 0.95 12.86 -11.17
HN41 DCZ B 1 5.25 11.15 -10.97
HN42 DCZ B 1 5.41 10.20 -12.45
H1' DCZ B 1 -0.40 11.47 -14.41
H2'1 DCZ B 1 -1.15 12.13 -11.55
H2'2 DCZ B 1 -1.76 10.82 -12.57
H3' DCZ B 1 -2.95 13.32 -12.30
H4' DCZ B 1 -1.89 13.88 -14.93
H5'1 DCZ B 1 -1.07 15.92 -13.94
H5'2 DCZ B 1 -2.74 15.63 -13.47
HO5' DCZ B 1 -0.39 15.35 -11.90
N1 DCZ A 1 -0.23 -11.39 13.78
C2 DCZ A 1 -1.16 -10.48 14.36
N3 DCZ A 1 -0.80 -9.25 14.80
C4 DCZ A 1 0.45 -8.89 14.63
C5 DCZ A 1 1.45 -9.71 14.04
C6 DCZ A 1 1.08 -10.96 13.64
O2 DCZ A 1 -2.35 -10.77 14.52
N4 DCZ A 1 0.75 -7.71 15.09
C1' DCZ A 1 -0.69 -12.76 13.41
C2' DCZ A 1 -0.27 -13.23 12.02
C3' DCZ A 1 -0.15 -14.74 12.17
C4' DCZ A 1 0.20 -14.90 13.66
O4' DCZ A 1 -0.20 -13.72 14.35
O3' DCZ A 1 -1.37 -15.41 11.91
C5' DCZ A 1 1.71 -15.16 13.88
O5' DCZ A 1 2.57 -14.19 13.32
H5 DCZ A 1 2.46 -9.35 13.95
H6 DCZ A 1 1.83 -11.63 13.22
HN41 DCZ A 1 1.67 -7.34 15.01
HN42 DCZ A 1 0.00 -7.19 15.54
H1' DCZ A 1 -1.78 -12.80 13.42
H2'1 DCZ A 1 0.69 -12.87 11.74
H2'2 DCZ A 1 -0.97 -12.92 11.26
H3' DCZ A 1 0.65 -15.12 11.53
H4' DCZ A 1 -0.33 -15.76 14.08
H5'1 DCZ A 1 1.91 -15.27 14.94
H5'2 DCZ A 1 1.96 -16.11 13.41
HO5' DCZ A 1 3.51 -14.44 13.48
N1 DCZ B 1 0.51 11.58 -13.34
C2 DCZ B 1 1.49 10.80 -13.99
N3 DCZ B 1 2.75 10.68 -13.46
C4 DCZ B 1 3.00 11.26 -12.29
C5 DCZ B 1 2.05 12.05 -11.60
C6 DCZ B 1 0.81 12.20 -12.16
O2 DCZ B 1 1.27 10.24 -15.05
N4 DCZ B 1 4.23 11.13 -11.85
C1' DCZ B 1 -0.84 11.77 -14.00
C2' DCZ B 1 -2.04 11.58 -13.08
C3' DCZ B 1 -3.09 12.48 -13.72
C4' DCZ B 1 -2.21 13.61 -14.27
O4' DCZ B 1 -0.93 13.06 -14.58
O3' DCZ B 1 -3.80 11.86 -14.78
C5' DCZ B 1 -1.99 14.75 -13.28
O5' DCZ B 1 -3.22 15.42 -12.95
H5 DCZ B 1 2.25 12.55 -10.67
H6 DCZ B 1 0.07 12.84 -11.69
HN41 DCZ B 1 4.48 11.53 -10.95
HN42 DCZ B 1 4.85 10.52 -12.39
H1' DCZ B 1 -0.96 11.04 -14.81
H2'1 DCZ B 1 -1.87 11.90 -12.05
H2'2 DCZ B 1 -2.37 10.55 -13.05
H3' DCZ B 1 -3.78 12.90 -12.98
H4' DCZ B 1 -2.68 14.05 -15.16
H5'1 DCZ B 1 -1.58 14.34 -12.34
H5'2 DCZ B 1 -1.26 15.46 -13.67
HO5' DCZ B 1 -3.03 16.12 -12.31
N1 DCZ A 1 -0.30 -11.47 13.27
C2 DCZ A 1 -1.28 -10.68 13.91
N3 DCZ A 1 -0.98 -9.43 14.37
C4 DCZ A 1 0.21 -8.93 14.11
C5 DCZ A 1 1.22 -9.66 13.42
C6 DCZ A 1 0.93 -10.92 13.01
O2 DCZ A 1 -2.44 -11.06 14.08
N4 DCZ A 1 0.44 -7.74 14.57
C1' DCZ A 1 -0.62 -12.85 12.85
C2' DCZ A 1 -0.37 -13.15 11.37
C3' DCZ A 1 -0.25 -14.68 11.32
C4' DCZ A 1 0.11 -15.01 12.79
O4' DCZ A 1 0.13 -13.80 13.53
O3' DCZ A 1 -1.48 -15.33 10.96
C5' DCZ A 1 1.46 -15.73 12.89
O5' DCZ A 1 2.56 -15.05 12.31
H5 DCZ A 1 2.20 -9.24 13.21
H6 DCZ A 1 1.71 -11.50 12.50
HN41 DCZ A 1 1.32 -7.28 14.40
HN42 DCZ A 1 -0.31 -7.29 15.08
H1' DCZ A 1 -1.69 -13.03 13.05
H2'1 DCZ A 1 0.57 -12.72 11.02
H2'2 DCZ A 1 -1.15 -12.79 10.71
H3' DCZ A 1 0.53 -14.96 10.63
H4' DCZ A 1 -0.66 -15.67 13.20
H5'1 DCZ A 1 1.67 -15.94 13.93
H5'2 DCZ A 1 1.35 -16.71 12.38
HO5' DCZ A 1 2.75 -14.24 12.84
N1 DCZ B 1 -2.35 10.69 -13.45
C2 DCZ B 1 -1.37 9.99 -14.16
N3 DCZ B 1 -0.06 10.03 -13.78
C4 DCZ B 1 0.24 10.72 -12.70
C5 DCZ B 1 -0.71 11.46 -11.96
C6 DCZ B 1 -2.01 11.43 -12.36
O2 DCZ B 1 -1.64 9.31 -15.15
N4 DCZ B 1 1.51 10.75 -12.39
C1' DCZ B 1 -3.78 10.64 -13.91
C2' DCZ B 1 -4.78 10.28 -12.81
C3' DCZ B 1 -6.05 10.97 -13.30
C4' DCZ B 1 -5.51 12.19 -14.07
O4' DCZ B 1 -4.13 11.93 -14.40
O3' DCZ B 1 -6.84 10.15 -14.17
C5' DCZ B 1 -5.64 13.49 -13.24
O5' DCZ B 1 -4.97 13.45 -11.98
H5 DCZ B 1 -0.42 12.05 -11.09
H6 DCZ B 1 -2.76 12.02 -11.83
HN41 DCZ B 1 1.81 11.25 -11.56
HN42 DCZ B 1 2.17 10.23 -12.96
H1' DCZ B 1 -3.88 9.91 -14.72
H2'1 DCZ B 1 -4.52 10.69 -11.84
H2'2 DCZ B 1 -4.92 9.19 -12.73
H3' DCZ B 1 -6.70 11.27 -12.46
H4' DCZ B 1 -6.08 12.31 -14.99
H5'1 DCZ B 1 -5.23 14.30 -13.84
H5'2 DCZ B 1 -6.70 13.69 -13.07
HO5' DCZ B 1 -4.99 14.35 -11.58
N1 DCZ A 1 -0.37 -11.41 13.50
C2 DCZ A 1 -1.34 -10.62 14.12
N3 DCZ A 1 -1.02 -9.39 14.61
C4 DCZ A 1 0.21 -8.98 14.48
C5 DCZ A 1 1.23 -9.72 13.81
C6 DCZ A 1 0.91 -10.95 13.36
O2 DCZ A 1 -2.51 -10.99 14.21
N4 DCZ A 1 0.45 -7.81 15.02
C1' DCZ A 1 -0.75 -12.78 13.06
C2' DCZ A 1 -0.35 -13.13 11.63
C3' DCZ A 1 -0.24 -14.64 11.69
C4' DCZ A 1 0.23 -14.88 13.13
O4' DCZ A 1 -0.12 -13.75 13.91
O3' DCZ A 1 -1.47 -15.33 11.44
C5' DCZ A 1 1.76 -15.11 13.20
O5' DCZ A 1 2.52 -14.04 12.63
H5 DCZ A 1 2.25 -9.36 13.71
H6 DCZ A 1 1.66 -11.57 12.87
HN41 DCZ A 1 1.37 -7.42 14.93
HN42 DCZ A 1 -0.32 -7.30 15.44
H1' DCZ A 1 -1.84 -12.91 13.11
H2'1 DCZ A 1 0.61 -12.71 11.34
H2'2 DCZ A 1 -1.08 -12.75 10.90
H3' DCZ A 1 0.53 -14.96 10.99
H4' DCZ A 1 -0.29 -15.76 13.50
H5'1 DCZ A 1 2.04 -15.19 14.26
H5'2 DCZ A 1 2.02 -16.06 12.70
HO5' DCZ A 1 3.47 -14.26 12.69
N1 DCZ B 1 1.81 10.48 -15.04
C2 DCZ B 1 2.65 9.47 -15.53
N3 DCZ B 1 3.85 9.21 -14.96
C4 DCZ B 1 4.20 9.93 -13.92
C5 DCZ B 1 3.41 10.95 -13.34
C6 DCZ B 1 2.23 11.21 -13.94
O2 DCZ B 1 2.31 8.75 -16.48
N4 DCZ B 1 5.38 9.66 -13.44
C1' DCZ B 1 0.50 10.79 -15.71
C2' DCZ B 1 -0.72 10.87 -14.77
C3' DCZ B 1 -1.67 11.86 -15.43
C4' DCZ B 1 -0.69 12.77 -16.19
O4' DCZ B 1 0.57 12.08 -16.35
O3' DCZ B 1 -2.57 11.26 -16.34
C5' DCZ B 1 -0.47 14.11 -15.46
O5' DCZ B 1 -0.04 13.98 -14.11
H5 DCZ B 1 3.75 11.54 -12.50
H6 DCZ B 1 1.60 12.00 -13.52
HN41 DCZ B 1 5.73 10.18 -12.66
HN42 DCZ B 1 5.91 8.92 -13.86
H1' DCZ B 1 0.30 10.04 -16.47
H2'1 DCZ B 1 -0.45 11.26 -13.77
H2'2 DCZ B 1 -1.14 9.88 -14.63
H3' DCZ B 1 -2.24 12.40 -14.66
H4' DCZ B 1 -1.09 13.00 -17.17
H5'1 DCZ B 1 0.26 14.72 -16.02
H5'2 DCZ B 1 -1.41 14.66 -15.50
HO5' DCZ B 1 -0.12 14.84 -13.65
N1 DCZ A 1 -0.23 -11.25 13.21
C2 DCZ A 1 -1.18 -10.51 13.90
N3 DCZ A 1 -0.91 -9.29 14.40
C4 DCZ A 1 0.27 -8.78 14.19
C5 DCZ A 1 1.31 -9.48 13.50
C6 DCZ A 1 1.03 -10.72 13.00
O2 DCZ A 1 -2.32 -10.93 14.11
N4 DCZ A 1 0.52 -7.63 14.76
C1' DCZ A 1 -0.59 -12.61 12.70
C2' DCZ A 1 -0.18 -12.96 11.28
C3' DCZ A 1 0.02 -14.48 11.38
C4' DCZ A 1 0.48 -14.68 12.83
O4' DCZ A 1 0.02 -13.55 13.56
O3' DCZ A 1 -1.21 -15.18 11.17
C5' DCZ A 1 2.01 -14.85 13.02
O5' DCZ A 1 2.76 -13.80 12.44
H5 DCZ A 1 2.29 -9.07 13.37
H6 DCZ A 1 1.77 -11.28 12.45
HN41 DCZ A 1 1.39 -7.19 14.61
HN42 DCZ A 1 -0.25 -7.17 15.22
H1' DCZ A 1 -1.68 -12.76 12.77
H2'1 DCZ A 1 0.76 -12.52 11.01
H2'2 DCZ A 1 -0.96 -12.70 10.56
H3' DCZ A 1 0.78 -14.82 10.67
H4' DCZ A 1 0.03 -15.60 13.21
H5'1 DCZ A 1 2.20 -14.89 14.10
H5'2 DCZ A 1 2.33 -15.83 12.60
HO5' DCZ A 1 3.71 -13.97 12.62
N1 DCZ B 1 1.34 11.56 -13.36
C2 DCZ B 1 2.20 10.64 -13.98
N3 DCZ B 1 3.44 10.39 -13.46
C4 DCZ B 1 3.80 11.02 -12.37
C5 DCZ B 1 2.96 11.95 -11.68
C6 DCZ B 1 1.73 12.18 -12.19
O2 DCZ B 1 1.88 10.02 -15.00
N4 DCZ B 1 5.02 10.78 -11.94
C1' DCZ B 1 0.00 11.82 -13.95
C2' DCZ B 1 -1.18 11.70 -12.98
C3' DCZ B 1 -2.21 12.69 -13.53
C4' DCZ B 1 -1.31 13.74 -14.20
O4' DCZ B 1 -0.05 13.13 -14.50
O3' DCZ B 1 -3.07 12.12 -14.51
C5' DCZ B 1 -1.13 15.01 -13.36
O5' DCZ B 1 -0.56 14.77 -12.07
H5 DCZ B 1 3.31 12.45 -10.79
H6 DCZ B 1 1.07 12.89 -11.72
HN41 DCZ B 1 5.34 11.20 -11.09
HN42 DCZ B 1 5.57 10.12 -12.46
H1' DCZ B 1 -0.19 11.09 -14.75
H2'1 DCZ B 1 -0.93 12.00 -11.96
H2'2 DCZ B 1 -1.55 10.67 -12.94
H3' DCZ B 1 -2.79 13.16 -12.72
H4' DCZ B 1 -1.78 14.06 -15.14
H5'1 DCZ B 1 -0.50 15.68 -13.91
H5'2 DCZ B 1 -2.10 15.53 -13.25
HO5' DCZ B 1 -0.42 15.62 -11.60
N1 DCZ A 1 -0.63 -10.99 14.11
C2 DCZ A 1 -1.61 -10.13 14.65
N3 DCZ A 1 -1.26 -8.87 15.02
C4 DCZ A 1 -0.03 -8.48 14.84
C5 DCZ A 1 1.00 -9.30 14.32
C6 DCZ A 1 0.66 -10.56 13.96
O2 DCZ A 1 -2.79 -10.46 14.81
N4 DCZ A 1 0.27 -7.27 15.27
C1' DCZ A 1 -1.03 -12.39 13.79
C2' DCZ A 1 -0.56 -12.88 12.39
C3' DCZ A 1 -0.47 -14.38 12.60
C4' DCZ A 1 -0.10 -14.50 14.10
O4' DCZ A 1 -0.48 -13.29 14.75
O3' DCZ A 1 -1.67 -15.11 12.39
C5' DCZ A 1 1.39 -14.77 14.31
O5' DCZ A 1 2.27 -13.87 13.65
H5 DCZ A 1 2.03 -8.98 14.23
H6 DCZ A 1 1.38 -11.26 13.58
HN41 DCZ A 1 1.19 -6.89 15.19
HN42 DCZ A 1 -0.52 -6.74 15.62
H1' DCZ A 1 -2.11 -12.51 13.84
H2'1 DCZ A 1 0.41 -12.48 12.12
H2'2 DCZ A 1 -1.29 -12.59 11.65
H3' DCZ A 1 0.34 -14.83 11.99
H4' DCZ A 1 -0.63 -15.36 14.51
H5'1 DCZ A 1 1.58 -14.75 15.39
H5'2 DCZ A 1 1.58 -15.79 13.99
HO5' DCZ A 1 3.21 -14.13 13.80
N1 DCZ B 1 0.52 11.53 -13.08
C2 DCZ B 1 1.38 10.76 -13.89
N3 DCZ B 1 2.67 10.55 -13.53
C4 DCZ B 1 3.10 11.06 -12.39
C5 DCZ B 1 2.28 11.84 -11.50
C6 DCZ B 1 0.99 12.06 -11.89
O2 DCZ B 1 1.01 10.26 -14.95
N4 DCZ B 1 4.37 10.89 -12.10
C1' DCZ B 1 -0.88 11.75 -13.54
C2' DCZ B 1 -1.97 11.49 -12.47
C3' DCZ B 1 -3.08 12.44 -12.95
C4' DCZ B 1 -2.31 13.60 -13.56
O4' DCZ B 1 -1.03 13.10 -13.97
O3' DCZ B 1 -3.90 11.86 -13.95
C5' DCZ B 1 -2.13 14.72 -12.50
O5' DCZ B 1 -1.30 15.76 -12.99
H5 DCZ B 1 2.64 12.28 -10.59
H6 DCZ B 1 0.34 12.68 -11.26
HN41 DCZ B 1 4.70 11.26 -11.23
HN42 DCZ B 1 4.96 10.33 -12.72
H1' DCZ B 1 -1.10 11.10 -14.41
H2'1 DCZ B 1 -1.63 11.74 -11.47
H2'2 DCZ B 1 -2.29 10.46 -12.49
H3' DCZ B 1 -3.72 12.77 -12.12
H4' DCZ B 1 -2.85 14.01 -14.41
H5'1 DCZ B 1 -3.11 15.12 -12.23
H5'2 DCZ B 1 -1.68 14.28 -11.60
HO5' DCZ B 1 -0.49 15.36 -13.38
N1 DCZ A 1 -0.85 -11.15 13.71
C2 DCZ A 1 -1.78 -10.29 14.33
N3 DCZ A 1 -1.41 -9.06 14.76
C4 DCZ A 1 -0.19 -8.65 14.51
C5 DCZ A 1 0.79 -9.44 13.86
C6 DCZ A 1 0.43 -10.70 13.49
O2 DCZ A 1 -2.95 -10.61 14.55
N4 DCZ A 1 0.11 -7.50 15.05
C1' DCZ A 1 -1.26 -12.53 13.35
C2' DCZ A 1 -0.79 -13.03 11.97
C3' DCZ A 1 -0.72 -14.53 12.15
C4' DCZ A 1 -0.29 -14.63 13.63
O4' DCZ A 1 -0.77 -13.46 14.29
O3' DCZ A 1 -1.97 -15.17 11.98
C5' DCZ A 1 1.25 -14.70 13.80
O5' DCZ A 1 1.80 -15.91 13.26
H5 DCZ A 1 1.80 -9.09 13.69
H6 DCZ A 1 1.17 -11.35 13.04
HN41 DCZ A 1 1.04 -7.12 14.96
HN42 DCZ A 1 -0.62 -6.99 15.52
H1' DCZ A 1 -2.35 -12.62 13.37
H2'1 DCZ A 1 0.20 -12.67 11.69
H2'2 DCZ A 1 -1.47 -12.74 11.17
H3' DCZ A 1 0.03 -14.97 11.49
H4' DCZ A 1 -0.71 -15.54 14.05
H5'1 DCZ A 1 1.70 -13.85 13.30
H5'2 DCZ A 1 1.49 -14.62 14.86
HO5' DCZ A 1 1.40 -16.66 13.73
N1 DCZ B 1 -0.60 11.21 -13.29
C2 DCZ B 1 0.36 10.48 -14.01
N3 DCZ B 1 1.67 10.40 -13.60
C4 DCZ B 1 1.98 10.99 -12.48
C5 DCZ B 1 1.07 11.75 -11.70
C6 DCZ B 1 -0.22 11.83 -12.13
O2 DCZ B 1 0.08 9.82 -15.00
N4 DCZ B 1 3.23 10.88 -12.15
C1' DCZ B 1 -2.00 11.30 -13.81
C2' DCZ B 1 -3.10 11.08 -12.78
C3' DCZ B 1 -4.24 11.93 -13.34
C4' DCZ B 1 -3.51 13.06 -14.09
O4' DCZ B 1 -2.19 12.61 -14.37
O3' DCZ B 1 -5.11 11.22 -14.23
C5' DCZ B 1 -3.46 14.40 -13.29
O5' DCZ B 1 -2.91 14.29 -11.99
H5 DCZ B 1 1.38 12.24 -10.78
H6 DCZ B 1 -0.92 12.43 -11.56
HN41 DCZ B 1 3.57 11.35 -11.34
HN42 DCZ B 1 3.79 10.26 -12.72
H1' DCZ B 1 -2.14 10.59 -14.63
H2'1 DCZ B 1 -2.83 11.46 -11.79
H2'2 DCZ B 1 -3.39 10.03 -12.73
H3' DCZ B 1 -4.84 12.36 -12.52
H4' DCZ B 1 -4.06 13.28 -14.99
H5'1 DCZ B 1 -2.86 15.09 -13.86
H5'2 DCZ B 1 -4.49 14.78 -13.20
HO5' DCZ B 1 -2.88 15.18 -11.55
N1 DCZ A 1 -0.74 -11.77 13.22
C2 DCZ A 1 -1.66 -10.89 13.82
N3 DCZ A 1 -1.24 -9.71 14.36
C4 DCZ A 1 0.03 -9.39 14.27
C5 DCZ A 1 1.02 -10.23 13.68
C6 DCZ A 1 0.60 -11.42 13.18
O2 DCZ A 1 -2.86 -11.14 13.94
N4 DCZ A 1 0.36 -8.27 14.83
C1' DCZ A 1 -1.23 -13.09 12.72
C2' DCZ A 1 -0.72 -13.44 11.32
C3' DCZ A 1 -0.65 -14.97 11.36
C4' DCZ A 1 -0.38 -15.25 12.85
O4' DCZ A 1 -0.83 -14.13 13.60
O3' DCZ A 1 -1.84 -15.64 10.97
C5' DCZ A 1 1.11 -15.56 13.17
O5' DCZ A 1 2.01 -14.56 12.72
H5 DCZ A 1 2.06 -9.96 13.69
H6 DCZ A 1 1.32 -12.11 12.75
HN41 DCZ A 1 1.32 -7.95 14.71
HN42 DCZ A 1 -0.39 -7.69 15.21
H1' DCZ A 1 -2.30 -13.08 12.65
H2'1 DCZ A 1 0.27 -13.02 11.12
H2'2 DCZ A 1 -1.41 -13.08 10.59
H3' DCZ A 1 0.20 -15.33 10.76
H4' DCZ A 1 -0.98 -16.12 13.15
H5'1 DCZ A 1 1.19 -15.68 14.25
H5'2 DCZ A 1 1.39 -16.51 12.72
HO5' DCZ A 1 2.93 -14.78 13.02
N1 DCZ B 1 -0.07 11.42 -13.08
C2 DCZ B 1 0.85 10.73 -13.90
N3 DCZ B 1 2.12 10.60 -13.51
C4 DCZ B 1 2.51 11.07 -12.35
C5 DCZ B 1 1.62 11.76 -11.45
C6 DCZ B 1 0.33 11.91 -11.87
O2 DCZ B 1 0.53 10.26 -14.99
N4 DCZ B 1 3.76 10.96 -12.03
C1' DCZ B 1 -1.48 11.59 -13.57
C2' DCZ B 1 -2.56 11.14 -12.59
C3' DCZ B 1 -3.78 11.97 -13.00
C4' DCZ B 1 -3.18 13.14 -13.80
O4' DCZ B 1 -1.77 12.98 -13.74
O3' DCZ B 1 -4.66 11.24 -13.85
C5' DCZ B 1 -3.62 14.54 -13.29
O5' DCZ B 1 -3.26 14.79 -11.94
H5 DCZ B 1 1.95 12.20 -10.52
H6 DCZ B 1 -0.39 12.47 -11.25
HN41 DCZ B 1 4.10 11.34 -11.17
HN42 DCZ B 1 4.39 10.48 -12.68
H1' DCZ B 1 -1.62 11.07 -14.53
H2'1 DCZ B 1 -2.28 11.37 -11.59
H2'2 DCZ B 1 -2.73 10.06 -12.69
H3' DCZ B 1 -4.32 12.33 -12.12
H4' DCZ B 1 -3.48 13.04 -14.83
H5'1 DCZ B 1 -3.14 15.29 -13.92
H5'2 DCZ B 1 -4.68 14.63 -13.39
HO5' DCZ B 1 -2.28 14.76 -11.86
N1 DCZ A 1 -0.78 -11.39 13.56
C2 DCZ A 1 -1.82 -10.58 14.05
N3 DCZ A 1 -1.58 -9.34 14.55
C4 DCZ A 1 -0.33 -8.90 14.51
C5 DCZ A 1 0.76 -9.64 13.96
C6 DCZ A 1 0.49 -10.89 13.50
O2 DCZ A 1 -3.00 -10.93 14.07
N4 DCZ A 1 -0.14 -7.74 15.05
C1' DCZ A 1 -1.08 -12.76 13.06
C2' DCZ A 1 -0.53 -13.09 11.67
C3' DCZ A 1 -0.34 -14.61 11.74
C4' DCZ A 1 -0.01 -14.82 13.23
O4' DCZ A 1 -0.51 -13.71 13.96
O3' DCZ A 1 -1.50 -15.35 11.42
C5' DCZ A 1 1.48 -15.01 13.56
O5' DCZ A 1 2.34 -14.00 13.04
H5 DCZ A 1 1.77 -9.25 13.93
H6 DCZ A 1 1.29 -11.50 13.09
HN41 DCZ A 1 0.77 -7.33 15.03
HN42 DCZ A 1 -0.95 -7.26 15.42
H1' DCZ A 1 -2.17 -12.91 13.02
H2'1 DCZ A 1 0.43 -12.61 11.50
H2'2 DCZ A 1 -1.25 -12.77 10.91
H3' DCZ A 1 0.47 -14.93 11.10
H4' DCZ A 1 -0.54 -15.71 13.55
H5'1 DCZ A 1 1.60 -15.08 14.64
H5'2 DCZ A 1 1.78 -15.98 13.14
HO5' DCZ A 1 3.28 -14.23 13.19
N1 DCZ B 1 0.13 11.15 -13.59
C2 DCZ B 1 1.05 10.36 -14.30
N3 DCZ B 1 2.32 10.20 -13.83
C4 DCZ B 1 2.67 10.78 -12.73
C5 DCZ B 1 1.82 11.61 -11.97
C6 DCZ B 1 0.53 11.78 -12.43
O2 DCZ B 1 0.78 9.77 -15.35
N4 DCZ B 1 3.91 10.66 -12.40
C1' DCZ B 1 -1.22 11.34 -14.18
C2' DCZ B 1 -2.39 11.23 -13.21
C3' DCZ B 1 -3.40 12.24 -13.76
C4' DCZ B 1 -2.51 13.26 -14.49
O4' DCZ B 1 -1.28 12.63 -14.77
O3' DCZ B 1 -4.31 11.64 -14.68
C5' DCZ B 1 -2.27 14.57 -13.70
O5' DCZ B 1 -1.80 14.36 -12.37
H5 DCZ B 1 2.10 12.11 -11.07
H6 DCZ B 1 -0.18 12.40 -11.88
HN41 DCZ B 1 4.28 11.10 -11.57
HN42 DCZ B 1 4.50 10.07 -12.98
H1' DCZ B 1 -1.39 10.62 -15.00
H2'1 DCZ B 1 -2.12 11.51 -12.20
H2'2 DCZ B 1 -2.75 10.21 -13.19
H3' DCZ B 1 -3.95 12.71 -12.97
H4' DCZ B 1 -2.97 13.55 -15.42
H5'1 DCZ B 1 -1.55 15.16 -14.26
H5'2 DCZ B 1 -3.22 15.11 -13.67
HO5' DCZ B 1 -1.73 15.23 -11.93
N1 DCZ A 1 -0.03 -11.15 13.46
C2 DCZ A 1 -1.02 -10.43 14.17
N3 DCZ A 1 -0.75 -9.19 14.66
C4 DCZ A 1 0.44 -8.65 14.43
C5 DCZ A 1 1.44 -9.32 13.66
C6 DCZ A 1 1.18 -10.56 13.19
O2 DCZ A 1 -2.15 -10.85 14.36
N4 DCZ A 1 0.66 -7.48 14.93
C1' DCZ A 1 -0.35 -12.52 13.00
C2' DCZ A 1 0.06 -12.89 11.57
C3' DCZ A 1 0.25 -14.42 11.66
C4' DCZ A 1 0.75 -14.58 13.11
O4' DCZ A 1 0.27 -13.48 13.86
O3' DCZ A 1 -0.97 -15.14 11.47
C5' DCZ A 1 2.31 -14.56 13.18
O5' DCZ A 1 2.92 -15.67 12.50
H5 DCZ A 1 2.39 -8.85 13.48
H6 DCZ A 1 1.93 -11.07 12.61
HN41 DCZ A 1 1.56 -7.05 14.79
HN42 DCZ A 1 -0.09 -7.02 15.47
H1' DCZ A 1 -1.44 -12.68 13.06
H2'1 DCZ A 1 0.99 -12.44 11.26
H2'2 DCZ A 1 -0.72 -12.62 10.84
H3' DCZ A 1 1.00 -14.77 10.95
H4' DCZ A 1 0.40 -15.54 13.52
H5'1 DCZ A 1 2.67 -13.62 12.78
H5'2 DCZ A 1 2.59 -14.62 14.22
HO5' DCZ A 1 2.69 -16.52 12.94
N1 DCZ B 1 0.95 11.45 -13.71
C2 DCZ B 1 1.80 10.54 -14.36
N3 DCZ B 1 3.06 10.32 -13.89
C4 DCZ B 1 3.45 10.93 -12.79
C5 DCZ B 1 2.62 11.85 -12.08
C6 DCZ B 1 1.36 12.09 -12.56
O2 DCZ B 1 1.50 9.94 -15.39
N4 DCZ B 1 4.67 10.70 -12.38
C1' DCZ B 1 -0.40 11.75 -14.29
C2' DCZ B 1 -1.57 11.71 -13.32
C3' DCZ B 1 -2.59 12.67 -13.91
C4' DCZ B 1 -1.69 13.66 -14.67
O4' DCZ B 1 -0.42 13.05 -14.83
O3' DCZ B 1 -3.51 12.04 -14.83
C5' DCZ B 1 -1.55 15.00 -13.92
O5' DCZ B 1 -1.03 14.90 -12.59
H5 DCZ B 1 2.96 12.35 -11.18
H6 DCZ B 1 0.74 12.86 -12.09
HN41 DCZ B 1 5.01 11.14 -11.53
HN42 DCZ B 1 5.26 10.09 -12.93
H1' DCZ B 1 -0.66 11.04 -15.10
H2'1 DCZ B 1 -1.25 12.09 -12.34
H2'2 DCZ B 1 -1.98 10.71 -13.17
H3' DCZ B 1 -3.15 13.15 -13.11
H4' DCZ B 1 -2.08 13.87 -15.67
H5'1 DCZ B 1 -0.89 15.65 -14.51
H5'2 DCZ B 1 -2.56 15.44 -13.91
HO5' DCZ B 1 -1.02 15.78 -12.17
N1 DCZ A 1 -0.36 -11.19 13.58
C2 DCZ A 1 -1.35 -10.36 14.11
N3 DCZ A 1 -1.04 -9.12 14.59
C4 DCZ A 1 0.20 -8.72 14.50
C5 DCZ A 1 1.26 -9.51 13.93
C6 DCZ A 1 0.93 -10.74 13.49
O2 DCZ A 1 -2.54 -10.70 14.16
N4 DCZ A 1 0.48 -7.52 14.99
C1' DCZ A 1 -0.70 -12.58 13.13
C2' DCZ A 1 -0.13 -13.01 11.76
C3' DCZ A 1 0.05 -14.51 11.91
C4' DCZ A 1 0.34 -14.67 13.42
O4' DCZ A 1 -0.16 -13.49 14.10
O3' DCZ A 1 -1.10 -15.27 11.56
C5' DCZ A 1 1.83 -14.88 13.73
O5' DCZ A 1 2.65 -13.84 13.17
H5 DCZ A 1 2.29 -9.17 13.87
H6 DCZ A 1 1.71 -11.40 13.12
HN41 DCZ A 1 1.43 -7.17 14.99
HN42 DCZ A 1 -0.28 -6.95 15.34
H1' DCZ A 1 -1.78 -12.70 13.09
H2'1 DCZ A 1 0.84 -12.55 11.56
H2'2 DCZ A 1 -0.82 -12.75 10.98
H3' DCZ A 1 0.90 -14.85 11.32
H4' DCZ A 1 -0.22 -15.53 13.81
H5'1 DCZ A 1 1.94 -14.89 14.81
H5'2 DCZ A 1 2.15 -15.88 13.39
HO5' DCZ A 1 3.58 -13.99 13.44
N1 DCZ B 1 1.78 11.46 -13.81
C2 DCZ B 1 2.65 10.50 -14.36
N3 DCZ B 1 3.86 10.21 -13.80
C4 DCZ B 1 4.17 10.86 -12.70
C5 DCZ B 1 3.37 11.84 -12.08
C6 DCZ B 1 2.16 12.10 -12.66
O2 DCZ B 1 2.39 9.90 -15.40
N4 DCZ B 1 5.36 10.60 -12.23
C1' DCZ B 1 0.47 11.75 -14.50
C2' DCZ B 1 -0.75 11.71 -13.55
C3' DCZ B 1 -1.68 12.73 -14.20
C4' DCZ B 1 -0.71 13.70 -14.88
O4' DCZ B 1 0.53 13.03 -15.11
O3' DCZ B 1 -2.57 12.16 -15.16
C5' DCZ B 1 -0.48 15.01 -14.08
O5' DCZ B 1 -0.11 14.80 -12.73
H5 DCZ B 1 3.69 12.34 -11.21
H6 DCZ B 1 1.52 12.88 -12.26
HN41 DCZ B 1 5.70 11.09 -11.42
HN42 DCZ B 1 5.95 9.95 -12.74
H1' DCZ B 1 0.33 11.01 -15.28
H2'1 DCZ B 1 -0.50 12.08 -12.55
H2'2 DCZ B 1 -1.14 10.69 -13.52
H3' DCZ B 1 -2.25 13.21 -13.40
H4' DCZ B 1 -1.12 14.00 -15.84
H5'1 DCZ B 1 0.32 15.61 -14.59
H5'2 DCZ B 1 -1.40 15.59 -14.13
HO5' DCZ B 1 0.07 15.67 -12.30
N1 DCZ A 1 -0.08 -11.66 12.68
C2 DCZ A 1 -1.04 -10.99 13.45
N3 DCZ A 1 -0.77 -9.78 13.99
C4 DCZ A 1 0.39 -9.22 13.74
C5 DCZ A 1 1.40 -9.84 12.94
C6 DCZ A 1 1.14 -11.07 12.44
O2 DCZ A 1 -2.15 -11.49 13.66
N4 DCZ A 1 0.61 -8.09 14.32
C1' DCZ A 1 -0.34 -13.05 12.20
C2' DCZ A 1 -0.11 -13.29 10.71
C3' DCZ A 1 0.04 -14.82 10.66
C4' DCZ A 1 0.47 -15.18 12.09
O4' DCZ A 1 0.46 -13.98 12.87
O3' DCZ A 1 -1.19 -15.49 10.35
C5' DCZ A 1 1.86 -15.82 12.16
O5' DCZ A 1 2.89 -15.04 11.55
H5 DCZ A 1 2.37 -9.38 12.75
H6 DCZ A 1 1.89 -11.60 11.86
HN41 DCZ A 1 1.49 -7.62 14.20
HN42 DCZ A 1 -0.13 -7.70 14.90
H1' DCZ A 1 -1.39 -13.29 12.39
H2'1 DCZ A 1 0.79 -12.79 10.37
H2'2 DCZ A 1 -0.96 -12.95 10.13
H3' DCZ A 1 0.82 -15.13 9.95
H4' DCZ A 1 -0.27 -15.89 12.52
H5'1 DCZ A 1 2.10 -15.98 13.21
H5'2 DCZ A 1 1.82 -16.80 11.70
HO5' DCZ A 1 2.98 -14.19 12.02
N1 DCZ B 1 0.62 11.42 -13.62
C2 DCZ B 1 1.51 10.55 -14.28
N3 DCZ B 1 2.78 10.36 -13.86
C4 DCZ B 1 3.17 11.02 -12.79
C5 DCZ B 1 2.33 11.92 -12.06
C6 DCZ B 1 1.06 12.10 -12.51
O2 DCZ B 1 1.15 9.89 -15.26
N4 DCZ B 1 4.38 10.80 -12.39
C1' DCZ B 1 -0.73 11.66 -14.18
C2' DCZ B 1 -1.89 11.53 -13.18
C3' DCZ B 1 -2.97 12.45 -13.74
C4' DCZ B 1 -2.12 13.51 -14.47
O4' DCZ B 1 -0.81 12.99 -14.68
O3' DCZ B 1 -3.84 11.82 -14.68
C5' DCZ B 1 -2.02 14.86 -13.73
O5' DCZ B 1 -1.59 14.72 -12.38
H5 DCZ B 1 2.69 12.49 -11.22
H6 DCZ B 1 0.42 12.80 -12.01
HN41 DCZ B 1 4.74 11.20 -11.56
HN42 DCZ B 1 4.95 10.13 -12.92
H1' DCZ B 1 -0.93 10.97 -15.01
H2'1 DCZ B 1 -1.61 11.83 -12.18
H2'2 DCZ B 1 -2.22 10.49 -13.16
H3' DCZ B 1 -3.54 12.91 -12.95
H4' DCZ B 1 -2.59 13.68 -15.44
H5'1 DCZ B 1 -1.33 15.47 -14.31
H5'2 DCZ B 1 -2.99 15.33 -13.78
HO5' DCZ B 1 -1.52 15.59 -11.97
N1 DCZ A 1 -0.05 -11.23 13.34
C2 DCZ A 1 -1.00 -10.47 14.06
N3 DCZ A 1 -0.68 -9.25 14.55
C4 DCZ A 1 0.53 -8.79 14.32
C5 DCZ A 1 1.53 -9.49 13.61
C6 DCZ A 1 1.21 -10.73 13.13
O2 DCZ A 1 -2.14 -10.87 14.27
N4 DCZ A 1 0.78 -7.62 14.82
C1' DCZ A 1 -0.46 -12.59 12.83
C2' DCZ A 1 -0.14 -12.89 11.37
C3' DCZ A 1 0.06 -14.39 11.40
C4' DCZ A 1 0.54 -14.66 12.84
O4' DCZ A 1 0.14 -13.57 13.66
O3' DCZ A 1 -1.16 -15.12 11.17
C5' DCZ A 1 2.07 -14.88 12.96
O5' DCZ A 1 2.86 -13.79 12.46
H5 DCZ A 1 2.53 -9.09 13.45
H6 DCZ A 1 1.94 -11.31 12.59
HN41 DCZ A 1 1.70 -7.20 14.70
HN42 DCZ A 1 0.02 -7.16 15.32
H1' DCZ A 1 -1.55 -12.71 12.94
H2'1 DCZ A 1 0.81 -12.42 11.10
H2'2 DCZ A 1 -0.91 -12.56 10.69
H3' DCZ A 1 0.85 -14.70 10.70
H4' DCZ A 1 0.06 -15.58 13.16
H5'1 DCZ A 1 2.33 -15.07 14.00
H5'2 DCZ A 1 2.30 -15.81 12.39
HO5' DCZ A 1 3.83 -13.99 12.55
N1 DCZ B 1 0.42 11.46 -13.71
C2 DCZ B 1 1.44 10.69 -14.30
N3 DCZ B 1 2.66 10.55 -13.73
C4 DCZ B 1 2.90 11.19 -12.59
C5 DCZ B 1 1.92 11.98 -11.94
C6 DCZ B 1 0.69 12.10 -12.51
O2 DCZ B 1 1.26 10.05 -15.35
N4 DCZ B 1 4.10 11.10 -12.10
C1' DCZ B 1 -0.89 11.66 -14.40
C2' DCZ B 1 -2.12 11.49 -13.52
C3' DCZ B 1 -3.14 12.38 -14.21
C4' DCZ B 1 -2.23 13.50 -14.75
O4' DCZ B 1 -0.94 12.94 -14.99
O3' DCZ B 1 -3.87 11.74 -15.27
C5' DCZ B 1 -2.03 14.64 -13.73
O5' DCZ B 1 -3.26 15.27 -13.44
H5 DCZ B 1 2.10 12.48 -11.00
H6 DCZ B 1 -0.08 12.69 -12.03
HN41 DCZ B 1 4.34 11.59 -11.24
HN42 DCZ B 1 4.76 10.52 -12.60
H1' DCZ B 1 -0.98 10.90 -15.20
H2'1 DCZ B 1 -1.96 11.83 -12.50
H2'2 DCZ B 1 -2.43 10.46 -13.49
H3' DCZ B 1 -3.84 12.77 -13.46
H4' DCZ B 1 -2.66 13.92 -15.65
H5'1 DCZ B 1 -1.58 14.22 -12.84
H5'2 DCZ B 1 -1.30 15.35 -14.16
HO5' DCZ B 1 -3.10 16.12 -12.97
N1 DCZ A 1 -0.40 -11.52 13.31
C2 DCZ A 1 -1.32 -10.69 13.96
N3 DCZ A 1 -0.96 -9.49 14.44
C4 DCZ A 1 0.27 -9.08 14.19
C5 DCZ A 1 1.24 -9.84 13.51
C6 DCZ A 1 0.89 -11.07 13.07
O2 DCZ A 1 -2.48 -11.05 14.18
N4 DCZ A 1 0.56 -7.92 14.70
C1' DCZ A 1 -0.86 -12.88 12.87
C2' DCZ A 1 -0.49 -13.28 11.44
C3' DCZ A 1 -0.40 -14.78 11.56
C4' DCZ A 1 0.07 -15.03 13.00
O4' DCZ A 1 -0.31 -13.86 13.78
O3' DCZ A 1 -1.62 -15.50 11.35
C5' DCZ A 1 1.58 -15.27 13.14
O5' DCZ A 1 2.41 -14.26 12.57
H5 DCZ A 1 2.25 -9.48 13.33
H6 DCZ A 1 1.59 -11.69 12.54
HN41 DCZ A 1 1.48 -7.51 14.55
HN42 DCZ A 1 -0.18 -7.45 15.21
H1' DCZ A 1 -1.96 -12.98 12.96
H2'1 DCZ A 1 0.47 -12.85 11.15
H2'2 DCZ A 1 -1.25 -12.94 10.71
H3' DCZ A 1 0.36 -15.20 10.88
H4' DCZ A 1 -0.43 -15.90 13.42
H5'1 DCZ A 1 1.82 -15.36 14.20
H5'2 DCZ A 1 1.81 -16.23 12.67
HO5' DCZ A 1 3.35 -14.54 12.64
N1 DCZ B 1 0.52 11.41 -13.94
C2 DCZ B 1 1.39 10.47 -14.51
N3 DCZ B 1 2.65 10.31 -14.03
C4 DCZ B 1 3.01 11.01 -12.96
C5 DCZ B 1 2.16 11.96 -12.32
C6 DCZ B 1 0.91 12.12 -12.84
O2 DCZ B 1 1.10 9.75 -15.48
N4 DCZ B 1 4.22 10.80 -12.55
C1' DCZ B 1 -0.83 11.60 -14.53
C2' DCZ B 1 -1.98 11.51 -13.53
C3' DCZ B 1 -3.03 12.43 -14.17
C4' DCZ B 1 -2.18 13.46 -14.91
O4' DCZ B 1 -0.90 12.88 -15.13
O3' DCZ B 1 -3.88 11.76 -15.10
C5' DCZ B 1 -2.08 14.80 -14.15
O5' DCZ B 1 -1.60 14.69 -12.81
H5 DCZ B 1 2.49 12.54 -11.48
H6 DCZ B 1 0.27 12.87 -12.42
HN41 DCZ B 1 4.57 11.32 -11.75
HN42 DCZ B 1 4.75 10.06 -12.99
H1' DCZ B 1 -1.00 10.86 -15.32
H2'1 DCZ B 1 -1.70 11.91 -12.55
H2'2 DCZ B 1 -2.33 10.48 -13.44
H3' DCZ B 1 -3.61 12.90 -13.40
H4' DCZ B 1 -2.64 13.66 -15.88
H5'1 DCZ B 1 -1.41 15.48 -14.70
H5'2 DCZ B 1 -3.06 15.25 -14.11
HO5' DCZ B 1 -1.55 15.58 -12.37
N1 DCZ A 1 -0.64 -11.32 13.94
C2 DCZ A 1 -1.65 -10.49 14.41
N3 DCZ A 1 -1.38 -9.22 14.81
C4 DCZ A 1 -0.15 -8.77 14.71
C5 DCZ A 1 0.93 -9.55 14.24
C6 DCZ A 1 0.64 -10.82 13.83
O2 DCZ A 1 -2.83 -10.84 14.48
N4 DCZ A 1 0.05 -7.55 15.14
C1' DCZ A 1 -0.96 -12.74 13.53
C2' DCZ A 1 -0.46 -13.12 12.12
C3' DCZ A 1 -0.31 -14.63 12.25
C4' DCZ A 1 0.04 -14.79 13.75
O4' DCZ A 1 -0.40 -13.63 14.45
O3' DCZ A 1 -1.53 -15.31 11.98
C5' DCZ A 1 1.55 -15.00 14.00
O5' DCZ A 1 2.39 -13.98 13.46
H5 DCZ A 1 1.94 -9.20 14.17
H6 DCZ A 1 1.44 -11.48 13.48
HN41 DCZ A 1 0.99 -7.16 15.10
HN42 DCZ A 1 -0.73 -7.02 15.51
H1' DCZ A 1 -2.05 -12.87 13.53
H2'1 DCZ A 1 0.52 -12.69 11.91
H2'2 DCZ A 1 -1.19 -12.82 11.36
H3' DCZ A 1 0.50 -15.01 11.64
H4' DCZ A 1 -0.48 -15.67 14.12
H5'1 DCZ A 1 1.70 -15.07 15.09
H5'2 DCZ A 1 1.85 -15.98 13.55
HO5' DCZ A 1 3.31 -14.21 13.65
N1 DCZ B 1 -0.77 11.82 -12.72
C2 DCZ B 1 0.08 11.04 -13.53
N3 DCZ B 1 1.40 10.88 -13.22
C4 DCZ B 1 1.86 11.44 -12.10
C5 DCZ B 1 1.04 12.26 -11.25
C6 DCZ B 1 -0.24 12.43 -11.61
O2 DCZ B 1 -0.29 10.44 -14.54
N4 DCZ B 1 3.12 11.31 -11.84
C1' DCZ B 1 -2.20 11.98 -13.13
C2' DCZ B 1 -3.23 11.72 -12.03
C3' DCZ B 1 -4.43 12.58 -12.44
C4' DCZ B 1 -3.72 13.73 -13.20
O4' DCZ B 1 -2.41 13.32 -13.56
O3' DCZ B 1 -5.35 11.91 -13.31
C5' DCZ B 1 -3.69 15.00 -12.33
O5' DCZ B 1 -2.98 14.83 -11.10
H5 DCZ B 1 1.42 12.71 -10.35
H6 DCZ B 1 -0.90 13.06 -11.01
HN41 DCZ B 1 3.52 11.76 -11.04
HN42 DCZ B 1 3.66 10.71 -12.46
H1' DCZ B 1 -2.40 11.32 -13.98
H2'1 DCZ B 1 -2.88 12.05 -11.05
H2'2 DCZ B 1 -3.48 10.66 -11.98
H3' DCZ B 1 -4.96 12.97 -11.59
H4' DCZ B 1 -4.30 13.93 -14.10
H5'1 DCZ B 1 -3.26 15.82 -12.90
H5'2 DCZ B 1 -4.73 15.29 -12.10
HO5' DCZ B 1 -3.15 15.59 -10.51
N1 DCZ A 1 -0.77 -11.41 13.37
C2 DCZ A 1 -1.69 -10.54 13.93
N3 DCZ A 1 -1.32 -9.34 14.47
C4 DCZ A 1 -0.04 -8.99 14.37
C5 DCZ A 1 0.94 -9.78 13.74
C6 DCZ A 1 0.55 -11.00 13.26
O2 DCZ A 1 -2.88 -10.82 14.00
N4 DCZ A 1 0.26 -7.85 14.92
C1' DCZ A 1 -1.22 -12.76 12.92
C2' DCZ A 1 -0.70 -13.20 11.53
C3' DCZ A 1 -0.61 -14.72 11.69
C4' DCZ A 1 -0.25 -14.86 13.17
O4' DCZ A 1 -0.83 -13.75 13.86
O3' DCZ A 1 -1.86 -15.39 11.45
C5' DCZ A 1 1.27 -14.84 13.41
O5' DCZ A 1 1.94 -15.91 12.78
H5 DCZ A 1 1.98 -9.47 13.67
H6 DCZ A 1 1.26 -11.68 12.79
HN41 DCZ A 1 1.18 -7.47 14.82
HN42 DCZ A 1 -0.51 -7.30 15.33
H1' DCZ A 1 -2.33 -12.77 12.86
H2'1 DCZ A 1 0.30 -12.80 11.30
H2'2 DCZ A 1 -1.37 -12.87 10.73
H3' DCZ A 1 0.18 -15.14 11.07
H4' DCZ A 1 -0.66 -15.79 13.57
H5'1 DCZ A 1 1.66 -13.87 13.07
H5'2 DCZ A 1 1.43 -14.91 14.48
HO5' DCZ A 1 1.68 -16.77 13.20
N1 DCZ B 1 -0.19 11.36 -13.33
C2 DCZ B 1 0.76 10.56 -14.00
N3 DCZ B 1 2.02 10.46 -13.54
C4 DCZ B 1 2.35 11.09 -12.44
C5 DCZ B 1 1.45 11.90 -11.69
C6 DCZ B 1 0.18 12.02 -12.17
O2 DCZ B 1 0.50 9.90 -15.01
N4 DCZ B 1 3.59 11.01 -12.07
C1' DCZ B 1 -1.56 11.44 -13.88
C2' DCZ B 1 -2.72 11.22 -12.88
C3' DCZ B 1 -3.86 12.08 -13.42
C4' DCZ B 1 -3.08 13.20 -14.16
O4' DCZ B 1 -1.78 12.72 -14.45
O3' DCZ B 1 -4.68 11.37 -14.35
C5' DCZ B 1 -3.01 14.50 -13.35
O5' DCZ B 1 -2.53 14.30 -12.02
H5 DCZ B 1 1.75 12.45 -10.82
H6 DCZ B 1 -0.53 12.66 -11.67
HN41 DCZ B 1 3.85 11.50 -11.23
HN42 DCZ B 1 4.25 10.46 -12.61
H1' DCZ B 1 -1.67 10.70 -14.66
H2'1 DCZ B 1 -2.44 11.56 -11.89
H2'2 DCZ B 1 -3.00 10.18 -12.82
H3' DCZ B 1 -4.44 12.52 -12.62
H4' DCZ B 1 -3.60 13.44 -15.09
H5'1 DCZ B 1 -2.35 15.18 -13.86
H5'2 DCZ B 1 -3.99 14.96 -13.32
HO5' DCZ B 1 -2.51 15.16 -11.53
N1 DCZ A 1 -1.30 -10.61 14.44
C2 DCZ A 1 -2.33 -9.73 14.82
N3 DCZ A 1 -2.04 -8.49 15.26
C4 DCZ A 1 -0.78 -8.11 15.30
C5 DCZ A 1 0.31 -8.93 14.90
C6 DCZ A 1 0.01 -10.18 14.48
O2 DCZ A 1 -3.52 -10.04 14.76
N4 DCZ A 1 -0.57 -6.93 15.76
C1' DCZ A 1 -1.64 -12.03 14.07
C2' DCZ A 1 -0.97 -12.53 12.79
C3' DCZ A 1 -0.91 -14.03 13.06
C4' DCZ A 1 -0.68 -14.05 14.58
O4' DCZ A 1 -1.27 -12.90 15.12
O3' DCZ A 1 -2.10 -14.74 12.73
C5' DCZ A 1 0.81 -14.04 14.99
O5' DCZ A 1 1.51 -15.17 14.52
H5 DCZ A 1 1.34 -8.61 14.94
H6 DCZ A 1 0.81 -10.86 14.24
HN41 DCZ A 1 0.37 -6.59 15.83
HN42 DCZ A 1 -1.36 -6.36 16.05
H1' DCZ A 1 -2.71 -12.12 13.92
H2'1 DCZ A 1 0.04 -12.12 12.66
H2'2 DCZ A 1 -1.57 -12.31 11.92
H3' DCZ A 1 -0.06 -14.48 12.54
H4' DCZ A 1 -1.17 -14.94 15.00
H5'1 DCZ A 1 1.28 -13.14 14.59
H5'2 DCZ A 1 0.85 -14.02 16.09
HO5' DCZ A 1 1.10 -16.01 14.88
N1 DCZ B 1 -0.14 11.44 -13.18
C2 DCZ B 1 0.75 10.61 -13.90
N3 DCZ B 1 2.04 10.45 -13.49
C4 DCZ B 1 2.41 11.03 -12.36
C5 DCZ B 1 1.58 11.93 -11.64
C6 DCZ B 1 0.30 12.09 -12.06
O2 DCZ B 1 0.41 10.00 -14.92
N4 DCZ B 1 3.64 10.86 -12.03
C1' DCZ B 1 -1.54 11.60 -13.66
C2' DCZ B 1 -2.61 11.29 -12.60
C3' DCZ B 1 -3.81 12.15 -13.03
C4' DCZ B 1 -3.10 13.33 -13.70
O4' DCZ B 1 -1.75 12.95 -14.03
O3' DCZ B 1 -4.65 11.50 -13.98
C5' DCZ B 1 -3.11 14.61 -12.81
O5' DCZ B 1 -2.45 14.42 -11.54
H5 DCZ B 1 1.94 12.46 -10.76
H6 DCZ B 1 -0.36 12.78 -11.53
HN41 DCZ B 1 3.98 11.28 -11.16
HN42 DCZ B 1 4.20 10.29 -12.64
H1' DCZ B 1 -1.72 10.94 -14.52
H2'1 DCZ B 1 -2.28 11.63 -11.62
H2'2 DCZ B 1 -2.83 10.22 -12.55
H3' DCZ B 1 -4.38 12.50 -12.16
H4' DCZ B 1 -3.64 13.56 -14.61
H5'1 DCZ B 1 -2.58 15.38 -13.38
H5'2 DCZ B 1 -4.13 14.92 -12.67
HO5' DCZ B 1 -2.51 15.24 -11.00
N1 DCZ A 1 -0.06 -11.24 13.02
C2 DCZ A 1 -1.01 -10.48 13.72
N3 DCZ A 1 -0.70 -9.26 14.25
C4 DCZ A 1 0.52 -8.79 14.03
C5 DCZ A 1 1.52 -9.51 13.31
C6 DCZ A 1 1.19 -10.73 12.80
O2 DCZ A 1 -2.16 -10.88 13.92
N4 DCZ A 1 0.79 -7.64 14.57
C1' DCZ A 1 -0.45 -12.59 12.52
C2' DCZ A 1 -0.09 -12.88 11.06
C3' DCZ A 1 0.08 -14.39 11.03
C4' DCZ A 1 0.60 -14.67 12.48
O4' DCZ A 1 0.22 -13.55 13.30
O3' DCZ A 1 -1.14 -15.12 10.81
C5' DCZ A 1 2.11 -14.91 12.52
O5' DCZ A 1 2.88 -13.81 12.03
H5 DCZ A 1 2.52 -9.15 13.17
H6 DCZ A 1 1.93 -11.33 12.30
HN41 DCZ A 1 1.73 -7.28 14.55
HN42 DCZ A 1 0.05 -7.18 15.10
H1' DCZ A 1 -1.54 -12.74 12.63
H2'1 DCZ A 1 0.84 -12.42 10.74
H2'2 DCZ A 1 -0.88 -12.56 10.39
H3' DCZ A 1 0.84 -14.66 10.28
H4' DCZ A 1 0.14 -15.57 12.87
H5'1 DCZ A 1 2.38 -15.10 13.55
H5'2 DCZ A 1 2.35 -15.80 11.97
HO5' DCZ A 1 3.83 -14.03 12.04
N1 DCZ B 1 2.78 10.71 -14.41
C2 DCZ B 1 3.63 9.76 -14.97
N3 DCZ B 1 4.79 9.38 -14.38
C4 DCZ B 1 5.10 9.94 -13.23
C5 DCZ B 1 4.26 10.88 -12.57
C6 DCZ B 1 3.11 11.24 -13.17
O2 DCZ B 1 3.36 9.22 -16.06
N4 DCZ B 1 6.28 9.62 -12.74
C1' DCZ B 1 1.53 11.12 -15.10
C2' DCZ B 1 0.23 11.01 -14.30
C3' DCZ B 1 -0.70 12.00 -15.01
C4' DCZ B 1 0.27 12.93 -15.75
O4' DCZ B 1 1.60 12.50 -15.44
O3' DCZ B 1 -1.57 11.35 -15.95
C5' DCZ B 1 0.08 14.42 -15.38
O5' DCZ B 1 0.30 14.69 -14.01
H5 DCZ B 1 4.54 11.31 -11.61
H6 DCZ B 1 2.45 11.98 -12.71
HN41 DCZ B 1 6.57 9.99 -11.85
HN42 DCZ B 1 6.86 8.99 -13.27
H1' DCZ B 1 1.39 10.52 -16.01
H2'1 DCZ B 1 0.37 11.35 -13.28
H2'2 DCZ B 1 -0.14 9.98 -14.30
H3' DCZ B 1 -1.29 12.56 -14.29
H4' DCZ B 1 0.11 12.81 -16.83
H5'1 DCZ B 1 0.74 15.02 -16.02
H5'2 DCZ B 1 -0.96 14.70 -15.64
HO5' DCZ B 1 1.27 14.57 -13.79
N1 DCZ A 1 -0.54 -11.05 14.25
C2 DCZ A 1 -1.50 -10.19 14.80
N3 DCZ A 1 -1.20 -8.92 15.15
C4 DCZ A 1 0.04 -8.51 14.96
C5 DCZ A 1 1.07 -9.32 14.45
C6 DCZ A 1 0.75 -10.60 14.10
O2 DCZ A 1 -2.66 -10.54 15.01
N4 DCZ A 1 0.32 -7.31 15.39
C1' DCZ A 1 -0.90 -12.45 13.92
C2' DCZ A 1 -0.47 -12.91 12.53
C3' DCZ A 1 -0.36 -14.43 12.71
C4' DCZ A 1 0.02 -14.55 14.19
O4' DCZ A 1 -0.31 -13.32 14.86
O3' DCZ A 1 -1.58 -15.10 12.45
C5' DCZ A 1 1.50 -14.89 14.43
O5' DCZ A 1 2.39 -13.96 13.84
H5 DCZ A 1 2.09 -8.96 14.30
H6 DCZ A 1 1.51 -11.26 13.71
HN41 DCZ A 1 1.28 -6.99 15.30
HN42 DCZ A 1 -0.41 -6.72 15.75
H1' DCZ A 1 -1.99 -12.58 13.97
H2'1 DCZ A 1 0.51 -12.52 12.27
H2'2 DCZ A 1 -1.18 -12.63 11.75
H3' DCZ A 1 0.45 -14.80 12.07
H4' DCZ A 1 -0.57 -15.36 14.62
H5'1 DCZ A 1 1.68 -14.93 15.50
H5'2 DCZ A 1 1.69 -15.89 14.02
HO5' DCZ A 1 3.33 -14.15 14.08
N1 DCZ B 1 0.20 11.57 -13.55
C2 DCZ B 1 1.15 10.82 -14.24
N3 DCZ B 1 2.38 10.62 -13.73
C4 DCZ B 1 2.66 11.12 -12.54
C5 DCZ B 1 1.71 11.85 -11.74
C6 DCZ B 1 0.49 12.07 -12.31
O2 DCZ B 1 0.91 10.32 -15.34
N4 DCZ B 1 3.87 10.96 -12.11
C1' DCZ B 1 -1.10 11.87 -14.18
C2' DCZ B 1 -2.31 11.54 -13.32
C3' DCZ B 1 -3.41 12.40 -13.92
C4' DCZ B 1 -2.63 13.53 -14.63
O4' DCZ B 1 -1.24 13.25 -14.47
O3' DCZ B 1 -4.23 11.68 -14.86
C5' DCZ B 1 -2.99 14.89 -14.05
O5' DCZ B 1 -2.63 15.00 -12.67
H5 DCZ B 1 1.93 12.29 -10.79
H6 DCZ B 1 -0.23 12.68 -11.78
HN41 DCZ B 1 4.14 11.31 -11.21
HN42 DCZ B 1 4.51 10.47 -12.72
H1' DCZ B 1 -1.23 11.28 -15.10
H2'1 DCZ B 1 -2.16 11.81 -12.27
H2'2 DCZ B 1 -2.54 10.48 -13.35
H3' DCZ B 1 -4.03 12.83 -13.14
H4' DCZ B 1 -2.86 13.50 -15.70
H5'1 DCZ B 1 -2.47 15.66 -14.61
H5'2 DCZ B 1 -4.07 15.06 -14.13
HO5' DCZ B 1 -1.66 15.11 -12.59
N1 DCZ A 1 -0.10 -11.15 13.36
C2 DCZ A 1 -1.09 -10.35 13.95
N3 DCZ A 1 -0.80 -9.13 14.45
C4 DCZ A 1 0.43 -8.68 14.36
C5 DCZ A 1 1.49 -9.43 13.80
C6 DCZ A 1 1.20 -10.67 13.32
O2 DCZ A 1 -2.27 -10.72 13.99
N4 DCZ A 1 0.64 -7.49 14.86
C1' DCZ A 1 -0.46 -12.51 12.84
C2' DCZ A 1 0.11 -12.83 11.46
C3' DCZ A 1 0.25 -14.34 11.54
C4' DCZ A 1 0.60 -14.58 13.00
O4' DCZ A 1 0.00 -13.51 13.73
O3' DCZ A 1 -0.95 -15.04 11.21
C5' DCZ A 1 2.12 -14.65 13.28
O5' DCZ A 1 2.74 -15.76 12.57
H5 DCZ A 1 2.50 -9.05 13.75
H6 DCZ A 1 1.98 -11.29 12.91
HN41 DCZ A 1 1.56 -7.09 14.81
HN42 DCZ A 1 -0.15 -7.02 15.27
H1' DCZ A 1 -1.56 -12.59 12.77
H2'1 DCZ A 1 1.09 -12.40 11.27
H2'2 DCZ A 1 -0.59 -12.52 10.68
H3' DCZ A 1 1.07 -14.68 10.86
H4' DCZ A 1 0.17 -15.51 13.34
H5'1 DCZ A 1 2.59 -13.72 12.98
H5'2 DCZ A 1 2.29 -14.79 14.34
HO5' DCZ A 1 3.63 -15.90 12.96
N1 DCZ B 1 1.14 11.25 -13.96
C2 DCZ B 1 2.05 10.38 -14.57
N3 DCZ B 1 3.26 10.12 -13.99
C4 DCZ B 1 3.52 10.68 -12.83
C5 DCZ B 1 2.63 11.55 -12.14
C6 DCZ B 1 1.44 11.81 -12.75
O2 DCZ B 1 1.79 9.82 -15.65
N4 DCZ B 1 4.71 10.43 -12.37
C1' DCZ B 1 -0.15 11.53 -14.65
C2' DCZ B 1 -1.40 11.39 -13.78
C3' DCZ B 1 -2.41 12.33 -14.45
C4' DCZ B 1 -1.52 13.25 -15.28
O4' DCZ B 1 -0.15 12.88 -15.09
O3' DCZ B 1 -3.32 11.64 -15.31
C5' DCZ B 1 -1.69 14.75 -14.96
O5' DCZ B 1 -1.43 15.06 -13.61
H5 DCZ B 1 2.87 12.00 -11.20
H6 DCZ B 1 0.77 12.52 -12.28
HN41 DCZ B 1 4.98 10.77 -11.45
HN42 DCZ B 1 5.31 9.86 -12.93
H1' DCZ B 1 -0.26 10.86 -15.51
H2'1 DCZ B 1 -1.21 11.73 -12.73
H2'2 DCZ B 1 -1.75 10.37 -13.79
H3' DCZ B 1 -2.95 12.91 -13.67
H4' DCZ B 1 -1.79 13.12 -16.34
H5'1 DCZ B 1 -1.00 15.31 -15.59
H5'2 DCZ B 1 -2.73 15.00 -15.18
HO5' DCZ B 1 -0.47 14.91 -13.44
#